data_7NUI
#
_entry.id   7NUI
#
_cell.length_a   90.236
_cell.length_b   40.206
_cell.length_c   125.978
_cell.angle_alpha   90.000
_cell.angle_beta   101.530
_cell.angle_gamma   90.000
#
_symmetry.space_group_name_H-M   'C 1 2 1'
#
loop_
_entity.id
_entity.type
_entity.pdbx_description
1 polymer 'HLA-B*08:01 heavy chain'
2 polymer Beta-2-microglobulin
3 polymer GLU-LEU-ARG-SER-ARG-TYR-TRP-ALA-ILE
4 non-polymer 1,2-ETHANEDIOL
5 non-polymer DI(HYDROXYETHYL)ETHER
6 water water
#
loop_
_entity_poly.entity_id
_entity_poly.type
_entity_poly.pdbx_seq_one_letter_code
_entity_poly.pdbx_strand_id
1 'polypeptide(L)'
;GSHSMRYFDTAMSRPGRGEPRFISVGYVDDTQFVRFDSDAASPRMEPRAPWIEQEGPEYWDRNTQIFKTNTQTDRESLRN
LRGYYNQSEAGSHTLQSMYGCDVGPDGRLLRGHNQYAYDGKDYIALNEDLRSWTAADTAAQITQRKWEAARVAEQDRAYL
EGTCVEWLRRYLENGKDTLERADPPKTHVTHHPISDHEATLRCWALGFYPAEITLTWQRDGEDQTQDTELVETRPAGDRT
FQKWAAVVVPSGEEQRYTCHVQHEGLPKPLTLRWEP
;
A
2 'polypeptide(L)'
;MIQRTPKIQVYSRHPAENGKSNFLNCYVSGFHPSDIEVDLLKNGERIEKVEHSDLSFSKDWSFYLLYYTEFTPTEKDEYA
CRVNHVTLSQPKIVKWDRDM
;
B
3 'polypeptide(L)' ELRSRYWAI D
#
# COMPACT_ATOMS: atom_id res chain seq x y z
N GLY A 1 -4.92 18.24 10.99
CA GLY A 1 -4.07 17.70 12.04
C GLY A 1 -2.57 17.70 11.75
N SER A 2 -1.89 16.60 12.12
CA SER A 2 -0.47 16.42 11.84
C SER A 2 -0.29 15.76 10.49
N HIS A 3 0.73 16.20 9.75
CA HIS A 3 0.92 15.77 8.37
C HIS A 3 2.22 15.00 8.22
N SER A 4 2.33 14.32 7.07
CA SER A 4 3.46 13.47 6.79
C SER A 4 3.80 13.54 5.32
N MET A 5 5.10 13.47 5.02
CA MET A 5 5.58 13.21 3.68
C MET A 5 6.57 12.08 3.70
N ARG A 6 6.46 11.19 2.70
CA ARG A 6 7.31 10.01 2.60
C ARG A 6 7.54 9.72 1.13
N TYR A 7 8.77 9.32 0.81
CA TYR A 7 9.09 8.69 -0.46
C TYR A 7 9.30 7.21 -0.19
N PHE A 8 8.66 6.36 -0.98
CA PHE A 8 8.92 4.93 -0.94
C PHE A 8 9.75 4.56 -2.16
N ASP A 9 10.88 3.95 -1.92
CA ASP A 9 11.90 3.67 -2.92
C ASP A 9 12.10 2.17 -3.02
N THR A 10 12.25 1.71 -4.25
CA THR A 10 12.39 0.29 -4.56
C THR A 10 13.40 0.16 -5.68
N ALA A 11 14.35 -0.73 -5.52
CA ALA A 11 15.36 -0.95 -6.55
C ALA A 11 15.64 -2.44 -6.59
N MET A 12 15.45 -3.05 -7.76
CA MET A 12 15.48 -4.50 -7.89
C MET A 12 16.41 -4.91 -9.01
N SER A 13 17.30 -5.84 -8.72
CA SER A 13 18.14 -6.38 -9.77
C SER A 13 17.41 -7.45 -10.56
N ARG A 14 17.62 -7.44 -11.86
CA ARG A 14 16.99 -8.37 -12.80
C ARG A 14 18.04 -8.95 -13.75
N PRO A 15 19.02 -9.72 -13.23
CA PRO A 15 20.08 -10.23 -14.13
C PRO A 15 19.53 -11.09 -15.26
N GLY A 16 19.59 -10.56 -16.48
CA GLY A 16 19.06 -11.26 -17.63
C GLY A 16 17.68 -10.82 -18.08
N ARG A 17 16.76 -10.58 -17.12
CA ARG A 17 15.40 -10.12 -17.45
C ARG A 17 15.40 -8.62 -17.71
N GLY A 18 16.23 -8.21 -18.67
CA GLY A 18 16.57 -6.81 -18.79
C GLY A 18 17.61 -6.47 -17.75
N GLU A 19 17.51 -5.27 -17.14
CA GLU A 19 18.47 -4.74 -16.18
C GLU A 19 17.71 -4.10 -15.01
N PRO A 20 18.38 -3.62 -13.94
CA PRO A 20 17.65 -3.21 -12.73
C PRO A 20 16.43 -2.32 -12.98
N ARG A 21 15.43 -2.47 -12.10
CA ARG A 21 14.24 -1.63 -12.10
C ARG A 21 14.26 -0.70 -10.89
N PHE A 22 13.86 0.54 -11.10
CA PHE A 22 13.88 1.56 -10.05
C PHE A 22 12.54 2.24 -9.98
N ILE A 23 11.99 2.34 -8.77
CA ILE A 23 10.72 2.99 -8.54
C ILE A 23 10.85 3.92 -7.36
N SER A 24 10.40 5.16 -7.51
CA SER A 24 10.26 6.08 -6.40
CA SER A 24 10.26 6.08 -6.39
C SER A 24 8.86 6.64 -6.38
N VAL A 25 8.11 6.38 -5.30
CA VAL A 25 6.74 6.88 -5.14
C VAL A 25 6.72 7.87 -3.97
N GLY A 26 6.06 9.01 -4.18
CA GLY A 26 5.94 10.06 -3.17
C GLY A 26 4.54 10.17 -2.62
N TYR A 27 4.45 10.36 -1.30
CA TYR A 27 3.19 10.39 -0.58
C TYR A 27 3.10 11.63 0.30
N VAL A 28 1.97 12.35 0.21
CA VAL A 28 1.56 13.31 1.23
C VAL A 28 0.35 12.74 1.96
N ASP A 29 0.51 12.52 3.26
CA ASP A 29 -0.59 12.00 4.08
C ASP A 29 -1.19 10.74 3.47
N ASP A 30 -0.33 9.84 3.01
CA ASP A 30 -0.72 8.58 2.37
C ASP A 30 -1.54 8.80 1.09
N THR A 31 -1.43 9.97 0.46
CA THR A 31 -1.96 10.21 -0.87
C THR A 31 -0.81 10.20 -1.87
N GLN A 32 -0.86 9.27 -2.82
CA GLN A 32 0.20 9.19 -3.82
C GLN A 32 0.17 10.42 -4.72
N PHE A 33 1.32 11.10 -4.86
CA PHE A 33 1.33 12.32 -5.65
C PHE A 33 2.37 12.32 -6.76
N VAL A 34 3.34 11.42 -6.75
CA VAL A 34 4.29 11.35 -7.84
C VAL A 34 4.82 9.94 -7.92
N ARG A 35 5.19 9.52 -9.13
CA ARG A 35 5.69 8.17 -9.32
C ARG A 35 6.73 8.17 -10.42
N PHE A 36 7.96 7.81 -10.07
CA PHE A 36 9.05 7.63 -11.02
C PHE A 36 9.32 6.14 -11.19
N ASP A 37 9.71 5.76 -12.40
CA ASP A 37 9.80 4.33 -12.71
C ASP A 37 10.70 4.13 -13.92
N SER A 38 11.73 3.30 -13.74
CA SER A 38 12.61 2.99 -14.86
C SER A 38 11.92 2.14 -15.91
N ASP A 39 10.83 1.46 -15.58
CA ASP A 39 10.13 0.65 -16.56
C ASP A 39 9.08 1.43 -17.34
N ALA A 40 8.66 2.59 -16.84
CA ALA A 40 7.59 3.34 -17.48
C ALA A 40 8.06 3.90 -18.81
N ALA A 41 7.37 3.53 -19.90
CA ALA A 41 7.77 3.91 -21.24
C ALA A 41 6.88 5.03 -21.82
N SER A 42 6.17 5.75 -20.95
CA SER A 42 5.40 6.94 -21.31
C SER A 42 4.98 7.62 -20.01
N PRO A 43 5.12 8.95 -19.91
CA PRO A 43 4.76 9.63 -18.67
C PRO A 43 3.27 9.59 -18.33
N ARG A 44 2.43 9.04 -19.23
CA ARG A 44 1.03 8.82 -18.87
C ARG A 44 0.90 7.87 -17.68
N MET A 45 1.76 6.86 -17.61
CA MET A 45 1.83 5.95 -16.47
C MET A 45 3.16 6.16 -15.76
N GLU A 46 3.50 7.45 -15.63
CA GLU A 46 4.36 7.96 -14.56
C GLU A 46 3.53 9.05 -13.88
N PRO A 47 2.46 8.64 -13.20
CA PRO A 47 1.42 9.60 -12.82
C PRO A 47 1.92 10.65 -11.82
N ARG A 48 1.23 11.78 -11.82
CA ARG A 48 1.46 12.84 -10.85
C ARG A 48 0.15 13.61 -10.69
N ALA A 49 -0.03 14.20 -9.51
CA ALA A 49 -1.26 14.93 -9.24
C ALA A 49 -1.32 16.21 -10.08
N PRO A 50 -2.51 16.80 -10.23
CA PRO A 50 -2.61 18.05 -11.02
C PRO A 50 -1.61 19.13 -10.59
N TRP A 51 -1.48 19.35 -9.29
CA TRP A 51 -0.61 20.38 -8.76
C TRP A 51 0.87 20.00 -8.80
N ILE A 52 1.20 18.97 -9.57
CA ILE A 52 2.57 18.66 -9.92
C ILE A 52 2.90 19.08 -11.35
N GLU A 53 1.98 18.82 -12.29
CA GLU A 53 2.06 19.47 -13.58
C GLU A 53 1.99 20.99 -13.44
N GLN A 54 1.32 21.47 -12.38
CA GLN A 54 1.28 22.90 -12.07
C GLN A 54 2.68 23.50 -11.93
N GLU A 55 3.67 22.70 -11.52
CA GLU A 55 5.01 23.20 -11.26
C GLU A 55 5.88 23.29 -12.51
N GLY A 56 5.39 22.84 -13.67
CA GLY A 56 6.11 22.97 -14.91
C GLY A 56 7.16 21.89 -15.10
N PRO A 57 7.79 21.86 -16.28
CA PRO A 57 8.87 20.89 -16.51
C PRO A 57 10.15 21.25 -15.80
N GLU A 58 10.21 22.42 -15.15
CA GLU A 58 11.30 22.79 -14.28
C GLU A 58 11.11 22.29 -12.86
N TYR A 59 10.05 21.51 -12.63
CA TYR A 59 10.05 20.50 -11.62
C TYR A 59 9.38 19.32 -12.32
N TRP A 60 10.09 18.72 -13.26
CA TRP A 60 9.90 17.30 -13.55
C TRP A 60 11.28 16.81 -13.89
N ASP A 61 11.94 17.59 -14.74
CA ASP A 61 13.22 17.24 -15.31
C ASP A 61 14.34 17.47 -14.32
N ARG A 62 14.12 18.29 -13.30
CA ARG A 62 15.01 18.28 -12.16
C ARG A 62 14.80 17.02 -11.34
N ASN A 63 13.55 16.70 -11.03
CA ASN A 63 13.33 15.50 -10.23
C ASN A 63 13.67 14.25 -11.03
N THR A 64 13.38 14.27 -12.34
CA THR A 64 13.82 13.18 -13.22
C THR A 64 15.33 13.03 -13.20
N GLN A 65 16.06 14.15 -13.12
CA GLN A 65 17.52 14.13 -13.03
C GLN A 65 17.99 13.57 -11.69
N ILE A 66 17.43 14.07 -10.58
CA ILE A 66 17.68 13.46 -9.28
C ILE A 66 17.40 11.96 -9.32
N PHE A 67 16.20 11.58 -9.78
CA PHE A 67 15.86 10.16 -9.84
C PHE A 67 16.93 9.38 -10.59
N LYS A 68 17.40 9.93 -11.71
CA LYS A 68 18.37 9.24 -12.54
C LYS A 68 19.75 9.17 -11.87
N THR A 69 20.17 10.24 -11.20
CA THR A 69 21.39 10.13 -10.41
C THR A 69 21.18 9.22 -9.20
N ASN A 70 20.01 9.31 -8.53
CA ASN A 70 19.75 8.43 -7.39
C ASN A 70 19.92 6.96 -7.76
N THR A 71 19.60 6.59 -9.01
CA THR A 71 19.68 5.19 -9.42
C THR A 71 21.11 4.73 -9.63
N GLN A 72 22.03 5.67 -9.93
CA GLN A 72 23.46 5.35 -9.92
C GLN A 72 23.92 4.96 -8.52
N THR A 73 23.55 5.76 -7.51
CA THR A 73 23.79 5.36 -6.14
C THR A 73 23.12 4.02 -5.82
N ASP A 74 21.85 3.84 -6.24
CA ASP A 74 21.18 2.58 -5.92
C ASP A 74 21.86 1.40 -6.63
N ARG A 75 22.50 1.69 -7.77
CA ARG A 75 23.21 0.65 -8.53
C ARG A 75 24.39 0.13 -7.74
N GLU A 76 25.17 1.04 -7.16
CA GLU A 76 26.28 0.60 -6.33
C GLU A 76 25.78 -0.09 -5.08
N SER A 77 24.77 0.50 -4.43
CA SER A 77 24.18 -0.12 -3.24
C SER A 77 23.91 -1.60 -3.48
N LEU A 78 23.23 -1.92 -4.59
CA LEU A 78 22.89 -3.32 -4.87
C LEU A 78 24.14 -4.16 -5.08
N ARG A 79 25.14 -3.63 -5.79
CA ARG A 79 26.40 -4.39 -5.96
C ARG A 79 27.12 -4.58 -4.63
N ASN A 80 27.24 -3.53 -3.82
CA ASN A 80 27.89 -3.69 -2.51
C ASN A 80 27.14 -4.71 -1.65
N LEU A 81 25.80 -4.68 -1.67
CA LEU A 81 25.03 -5.60 -0.86
C LEU A 81 25.28 -7.05 -1.26
N ARG A 82 25.25 -7.32 -2.58
CA ARG A 82 25.67 -8.64 -3.07
C ARG A 82 27.00 -9.06 -2.46
N GLY A 83 27.95 -8.13 -2.39
CA GLY A 83 29.26 -8.47 -1.86
C GLY A 83 29.21 -8.72 -0.37
N TYR A 84 28.46 -7.88 0.38
CA TYR A 84 28.39 -8.03 1.83
C TYR A 84 27.81 -9.39 2.22
N TYR A 85 26.95 -9.94 1.38
CA TYR A 85 26.29 -11.20 1.67
C TYR A 85 26.82 -12.33 0.81
N ASN A 86 27.88 -12.08 0.02
CA ASN A 86 28.49 -13.09 -0.85
C ASN A 86 27.45 -13.76 -1.75
N GLN A 87 26.56 -12.97 -2.30
CA GLN A 87 25.49 -13.47 -3.15
C GLN A 87 25.98 -13.59 -4.58
N SER A 88 25.32 -14.44 -5.34
CA SER A 88 25.72 -14.65 -6.71
C SER A 88 25.17 -13.54 -7.61
N GLU A 89 25.81 -13.37 -8.75
CA GLU A 89 25.36 -12.38 -9.71
C GLU A 89 24.08 -12.77 -10.42
N ALA A 90 23.67 -14.04 -10.36
CA ALA A 90 22.48 -14.47 -11.08
C ALA A 90 21.19 -14.31 -10.28
N GLY A 91 21.27 -13.88 -9.02
CA GLY A 91 20.10 -13.75 -8.19
C GLY A 91 19.51 -12.36 -8.21
N SER A 92 18.18 -12.30 -8.02
CA SER A 92 17.45 -11.05 -7.97
C SER A 92 17.24 -10.64 -6.52
N HIS A 93 17.52 -9.37 -6.22
CA HIS A 93 17.41 -8.86 -4.86
C HIS A 93 16.74 -7.51 -4.91
N THR A 94 16.24 -7.09 -3.75
CA THR A 94 15.34 -5.95 -3.64
C THR A 94 15.87 -5.05 -2.55
N LEU A 95 16.25 -3.83 -2.91
CA LEU A 95 16.60 -2.80 -1.94
C LEU A 95 15.42 -1.85 -1.81
N GLN A 96 15.01 -1.56 -0.58
CA GLN A 96 13.88 -0.68 -0.38
C GLN A 96 14.20 0.36 0.68
N SER A 97 13.47 1.46 0.61
CA SER A 97 13.69 2.53 1.55
C SER A 97 12.41 3.30 1.74
N MET A 98 12.24 3.86 2.94
CA MET A 98 11.17 4.81 3.24
C MET A 98 11.79 5.96 4.02
N TYR A 99 11.56 7.18 3.57
CA TYR A 99 12.14 8.33 4.25
C TYR A 99 11.18 9.49 4.12
N GLY A 100 11.31 10.46 5.03
CA GLY A 100 10.43 11.62 4.99
C GLY A 100 10.32 12.24 6.36
N CYS A 101 9.34 13.13 6.49
CA CYS A 101 9.20 13.95 7.69
C CYS A 101 7.76 14.02 8.16
N ASP A 102 7.61 14.23 9.48
CA ASP A 102 6.33 14.43 10.14
C ASP A 102 6.30 15.85 10.69
N VAL A 103 5.23 16.58 10.38
CA VAL A 103 5.11 17.96 10.86
C VAL A 103 3.81 18.07 11.62
N GLY A 104 3.74 19.06 12.50
CA GLY A 104 2.54 19.30 13.28
C GLY A 104 1.55 20.23 12.60
N PRO A 105 0.49 20.58 13.33
CA PRO A 105 -0.56 21.45 12.74
C PRO A 105 -0.02 22.67 12.01
N ASP A 106 1.07 23.27 12.49
CA ASP A 106 1.65 24.46 11.88
C ASP A 106 2.79 24.13 10.92
N GLY A 107 3.62 23.16 11.27
CA GLY A 107 4.79 22.89 10.46
C GLY A 107 6.02 22.76 11.32
N ARG A 108 5.86 22.87 12.64
CA ARG A 108 6.93 22.41 13.52
C ARG A 108 7.26 20.99 13.09
N LEU A 109 8.47 20.79 12.55
CA LEU A 109 8.92 19.44 12.30
C LEU A 109 8.85 18.66 13.60
N LEU A 110 8.26 17.46 13.54
CA LEU A 110 8.20 16.62 14.74
C LEU A 110 9.21 15.49 14.70
N ARG A 111 9.37 14.85 13.55
CA ARG A 111 10.29 13.74 13.46
C ARG A 111 10.69 13.57 12.00
N GLY A 112 11.92 13.09 11.81
CA GLY A 112 12.43 12.68 10.53
C GLY A 112 12.63 11.17 10.48
N HIS A 113 12.61 10.61 9.28
CA HIS A 113 12.66 9.18 9.11
C HIS A 113 13.49 8.86 7.89
N ASN A 114 14.30 7.81 8.00
CA ASN A 114 14.96 7.21 6.86
C ASN A 114 15.37 5.82 7.26
N GLN A 115 14.90 4.82 6.53
CA GLN A 115 15.30 3.46 6.83
C GLN A 115 15.33 2.66 5.54
N TYR A 116 16.07 1.56 5.57
CA TYR A 116 16.30 0.73 4.41
C TYR A 116 15.95 -0.71 4.75
N ALA A 117 15.64 -1.47 3.71
CA ALA A 117 15.53 -2.91 3.84
C ALA A 117 16.20 -3.56 2.64
N TYR A 118 16.74 -4.76 2.87
CA TYR A 118 17.31 -5.59 1.84
C TYR A 118 16.56 -6.92 1.85
N ASP A 119 16.01 -7.30 0.69
CA ASP A 119 15.22 -8.51 0.52
C ASP A 119 14.18 -8.68 1.64
N GLY A 120 13.46 -7.60 1.93
CA GLY A 120 12.33 -7.68 2.85
C GLY A 120 12.66 -7.56 4.32
N LYS A 121 13.92 -7.38 4.67
CA LYS A 121 14.34 -7.37 6.06
C LYS A 121 14.97 -6.03 6.41
N ASP A 122 14.58 -5.47 7.55
CA ASP A 122 15.21 -4.23 8.03
C ASP A 122 16.73 -4.34 7.96
N TYR A 123 17.37 -3.31 7.42
CA TYR A 123 18.80 -3.31 7.19
C TYR A 123 19.47 -2.25 8.05
N ILE A 124 19.13 -0.98 7.82
CA ILE A 124 19.70 0.11 8.58
C ILE A 124 18.67 1.22 8.65
N ALA A 125 18.75 2.01 9.73
CA ALA A 125 17.83 3.10 9.92
C ALA A 125 18.48 4.24 10.67
N LEU A 126 18.09 5.44 10.30
CA LEU A 126 18.49 6.65 10.98
C LEU A 126 17.69 6.81 12.27
N ASN A 127 18.35 6.79 13.42
CA ASN A 127 17.65 7.02 14.69
C ASN A 127 17.04 8.43 14.73
N GLU A 128 16.21 8.65 15.74
CA GLU A 128 15.44 9.89 15.87
C GLU A 128 16.32 11.09 16.17
N ASP A 129 17.58 10.90 16.63
CA ASP A 129 18.54 12.00 16.64
C ASP A 129 18.69 12.63 15.26
N LEU A 130 18.45 11.85 14.21
CA LEU A 130 19.01 12.13 12.88
C LEU A 130 20.52 12.36 12.96
N ARG A 131 21.17 11.63 13.87
CA ARG A 131 22.62 11.75 14.05
C ARG A 131 23.34 10.43 14.23
N SER A 132 22.63 9.32 14.30
CA SER A 132 23.20 8.03 14.60
C SER A 132 22.35 6.96 13.89
N TRP A 133 22.87 5.74 13.86
CA TRP A 133 22.38 4.67 13.00
C TRP A 133 22.14 3.43 13.84
N THR A 134 21.13 2.64 13.45
CA THR A 134 20.95 1.28 13.97
C THR A 134 21.15 0.31 12.81
N ALA A 135 22.20 -0.49 12.89
CA ALA A 135 22.44 -1.59 11.96
C ALA A 135 21.70 -2.85 12.37
N ALA A 136 21.34 -3.67 11.38
CA ALA A 136 20.67 -4.95 11.64
C ALA A 136 21.62 -6.15 11.71
N ASP A 137 22.79 -6.10 11.09
CA ASP A 137 23.72 -7.23 11.03
C ASP A 137 25.09 -6.72 10.59
N THR A 138 26.01 -7.64 10.31
CA THR A 138 27.37 -7.21 9.96
C THR A 138 27.38 -6.44 8.65
N ALA A 139 26.57 -6.86 7.67
CA ALA A 139 26.45 -6.06 6.46
C ALA A 139 26.16 -4.62 6.81
N ALA A 140 25.10 -4.38 7.59
CA ALA A 140 24.72 -2.99 7.82
C ALA A 140 25.73 -2.29 8.72
N GLN A 141 26.38 -3.04 9.61
CA GLN A 141 27.48 -2.48 10.39
C GLN A 141 28.56 -1.91 9.47
N ILE A 142 28.92 -2.63 8.42
CA ILE A 142 29.86 -2.09 7.43
C ILE A 142 29.34 -0.79 6.85
N THR A 143 28.09 -0.79 6.37
CA THR A 143 27.47 0.44 5.88
C THR A 143 27.56 1.56 6.90
N GLN A 144 27.30 1.24 8.18
CA GLN A 144 27.26 2.29 9.20
C GLN A 144 28.61 2.99 9.36
N ARG A 145 29.72 2.23 9.40
CA ARG A 145 31.02 2.87 9.60
C ARG A 145 31.34 3.79 8.43
N LYS A 146 31.02 3.36 7.20
CA LYS A 146 31.34 4.24 6.07
C LYS A 146 30.50 5.49 6.11
N TRP A 147 29.23 5.37 6.49
CA TRP A 147 28.36 6.52 6.61
C TRP A 147 28.69 7.38 7.81
N GLU A 148 29.24 6.79 8.88
CA GLU A 148 29.85 7.59 9.94
C GLU A 148 31.05 8.36 9.43
N ALA A 149 31.92 7.71 8.64
CA ALA A 149 33.14 8.40 8.21
C ALA A 149 32.83 9.47 7.16
N ALA A 150 31.85 9.24 6.28
CA ALA A 150 31.46 10.23 5.29
C ALA A 150 30.50 11.26 5.85
N ARG A 151 30.02 11.09 7.08
CA ARG A 151 29.14 12.08 7.73
C ARG A 151 27.78 12.17 7.02
N VAL A 152 27.20 11.02 6.65
CA VAL A 152 25.96 10.97 5.87
C VAL A 152 24.76 11.44 6.70
N ALA A 153 24.68 11.04 7.97
CA ALA A 153 23.54 11.44 8.79
C ALA A 153 23.33 12.95 8.76
N GLU A 154 24.43 13.72 8.71
CA GLU A 154 24.31 15.18 8.65
C GLU A 154 23.61 15.64 7.37
N GLN A 155 23.92 14.99 6.24
CA GLN A 155 23.28 15.36 4.97
C GLN A 155 21.84 14.88 4.92
N ASP A 156 21.58 13.64 5.34
CA ASP A 156 20.19 13.17 5.49
C ASP A 156 19.38 14.14 6.35
N ARG A 157 19.92 14.48 7.54
CA ARG A 157 19.25 15.42 8.44
C ARG A 157 19.00 16.76 7.77
N ALA A 158 19.98 17.30 7.04
CA ALA A 158 19.75 18.57 6.35
C ALA A 158 18.55 18.48 5.42
N TYR A 159 18.47 17.41 4.63
CA TYR A 159 17.32 17.24 3.75
C TYR A 159 16.04 17.16 4.56
N LEU A 160 16.00 16.23 5.52
CA LEU A 160 14.80 15.98 6.31
C LEU A 160 14.35 17.22 7.07
N GLU A 161 15.29 17.95 7.67
CA GLU A 161 14.94 19.13 8.46
C GLU A 161 14.70 20.35 7.57
N GLY A 162 15.23 20.34 6.35
CA GLY A 162 15.11 21.44 5.42
C GLY A 162 14.15 21.12 4.29
N THR A 163 14.73 20.70 3.17
CA THR A 163 13.97 20.45 1.94
C THR A 163 12.65 19.73 2.19
N CYS A 164 12.67 18.77 3.12
CA CYS A 164 11.52 17.89 3.33
C CYS A 164 10.31 18.67 3.83
N VAL A 165 10.47 19.42 4.92
CA VAL A 165 9.33 20.10 5.53
C VAL A 165 8.96 21.33 4.72
N GLU A 166 9.91 21.93 4.02
CA GLU A 166 9.60 23.14 3.28
C GLU A 166 8.92 22.79 1.95
N TRP A 167 9.24 21.64 1.37
CA TRP A 167 8.48 21.22 0.21
C TRP A 167 7.13 20.63 0.60
N LEU A 168 7.05 20.06 1.81
CA LEU A 168 5.77 19.51 2.25
C LEU A 168 4.73 20.59 2.47
N ARG A 169 5.12 21.72 3.08
CA ARG A 169 4.15 22.80 3.28
C ARG A 169 3.66 23.35 1.96
N ARG A 170 4.56 23.41 0.97
CA ARG A 170 4.16 23.82 -0.37
C ARG A 170 3.12 22.86 -0.95
N TYR A 171 3.37 21.55 -0.83
CA TYR A 171 2.42 20.57 -1.33
C TYR A 171 1.09 20.67 -0.60
N LEU A 172 1.13 20.74 0.74
CA LEU A 172 -0.09 20.85 1.54
C LEU A 172 -0.94 22.03 1.07
N GLU A 173 -0.32 23.15 0.74
CA GLU A 173 -1.10 24.29 0.28
C GLU A 173 -1.58 24.10 -1.16
N ASN A 174 -0.69 23.65 -2.05
CA ASN A 174 -0.97 23.64 -3.48
C ASN A 174 -1.92 22.52 -3.91
N GLY A 175 -2.05 21.45 -3.12
CA GLY A 175 -2.85 20.33 -3.53
C GLY A 175 -3.95 20.02 -2.54
N LYS A 176 -4.29 21.01 -1.70
CA LYS A 176 -5.26 20.78 -0.63
C LYS A 176 -6.63 20.37 -1.16
N ASP A 177 -7.00 20.81 -2.36
CA ASP A 177 -8.19 20.27 -3.00
C ASP A 177 -8.09 18.76 -3.14
N THR A 178 -7.07 18.30 -3.86
CA THR A 178 -6.90 16.86 -4.08
C THR A 178 -6.73 16.11 -2.77
N LEU A 179 -6.03 16.70 -1.79
CA LEU A 179 -5.49 15.95 -0.67
C LEU A 179 -6.55 15.66 0.40
N GLU A 180 -7.30 16.67 0.79
CA GLU A 180 -8.39 16.43 1.74
C GLU A 180 -9.70 16.31 0.97
N ARG A 181 -9.89 15.14 0.36
CA ARG A 181 -11.08 14.86 -0.43
C ARG A 181 -12.23 14.36 0.44
N ALA A 182 -12.05 13.19 1.09
CA ALA A 182 -13.00 12.70 2.11
C ALA A 182 -14.44 12.42 1.67
N ASP A 183 -14.68 11.31 0.90
CA ASP A 183 -16.03 10.83 0.57
C ASP A 183 -16.55 9.82 1.59
N PRO A 184 -17.73 10.01 2.16
CA PRO A 184 -18.19 9.16 3.27
C PRO A 184 -18.68 7.81 2.76
N PRO A 185 -18.58 6.78 3.59
CA PRO A 185 -19.01 5.44 3.17
C PRO A 185 -20.52 5.31 3.15
N LYS A 186 -21.00 4.46 2.23
CA LYS A 186 -22.37 3.99 2.29
C LYS A 186 -22.39 2.62 2.94
N THR A 187 -23.25 2.46 3.95
CA THR A 187 -23.21 1.36 4.89
C THR A 187 -24.52 0.59 4.91
N HIS A 188 -24.44 -0.72 5.08
CA HIS A 188 -25.63 -1.55 5.26
C HIS A 188 -25.21 -2.84 5.96
N VAL A 189 -26.19 -3.53 6.55
CA VAL A 189 -25.91 -4.75 7.30
C VAL A 189 -26.62 -5.93 6.64
N THR A 190 -25.88 -7.02 6.46
CA THR A 190 -26.40 -8.28 5.95
C THR A 190 -26.31 -9.37 7.02
N HIS A 191 -27.10 -10.43 6.81
CA HIS A 191 -27.33 -11.48 7.80
C HIS A 191 -27.14 -12.82 7.12
N HIS A 192 -26.42 -13.74 7.79
CA HIS A 192 -26.02 -15.01 7.19
C HIS A 192 -26.15 -16.17 8.20
N PRO A 193 -27.20 -16.99 8.09
CA PRO A 193 -27.39 -18.07 9.06
C PRO A 193 -26.40 -19.22 8.86
N ILE A 194 -25.95 -19.81 9.97
CA ILE A 194 -25.13 -21.03 9.91
C ILE A 194 -25.83 -22.20 10.60
N SER A 195 -26.05 -22.10 11.93
CA SER A 195 -26.72 -23.16 12.66
C SER A 195 -28.22 -22.90 12.63
N ASP A 196 -29.00 -23.82 13.20
CA ASP A 196 -30.31 -23.41 13.67
C ASP A 196 -30.16 -22.42 14.83
N HIS A 197 -29.04 -22.50 15.55
CA HIS A 197 -28.73 -21.69 16.72
C HIS A 197 -28.02 -20.39 16.38
N GLU A 198 -27.65 -20.14 15.12
CA GLU A 198 -26.68 -19.06 14.91
C GLU A 198 -26.74 -18.49 13.51
N ALA A 199 -26.34 -17.22 13.43
CA ALA A 199 -26.14 -16.51 12.17
C ALA A 199 -24.88 -15.67 12.31
N THR A 200 -24.56 -14.90 11.27
CA THR A 200 -23.43 -13.99 11.26
C THR A 200 -23.88 -12.63 10.74
N LEU A 201 -23.53 -11.58 11.47
CA LEU A 201 -23.84 -10.22 11.06
C LEU A 201 -22.64 -9.62 10.34
N ARG A 202 -22.86 -9.08 9.15
CA ARG A 202 -21.79 -8.47 8.38
C ARG A 202 -22.12 -7.01 8.11
N CYS A 203 -21.23 -6.13 8.57
CA CYS A 203 -21.39 -4.68 8.46
C CYS A 203 -20.52 -4.17 7.31
N TRP A 204 -21.16 -3.64 6.27
CA TRP A 204 -20.46 -3.22 5.06
C TRP A 204 -20.22 -1.72 5.02
N ALA A 205 -18.98 -1.32 4.72
CA ALA A 205 -18.67 0.06 4.41
C ALA A 205 -18.10 0.13 2.99
N LEU A 206 -18.77 0.89 2.12
CA LEU A 206 -18.42 0.92 0.71
C LEU A 206 -18.21 2.33 0.20
N GLY A 207 -17.21 2.50 -0.66
CA GLY A 207 -17.01 3.74 -1.38
C GLY A 207 -16.49 4.93 -0.58
N PHE A 208 -15.74 4.71 0.48
CA PHE A 208 -15.16 5.79 1.26
C PHE A 208 -13.74 6.09 0.76
N TYR A 209 -13.39 7.38 0.64
CA TYR A 209 -12.08 7.59 0.01
C TYR A 209 -10.89 7.50 0.95
N PRO A 210 -10.79 8.29 2.02
CA PRO A 210 -9.58 8.15 2.87
C PRO A 210 -9.60 6.80 3.55
N ALA A 211 -8.65 5.94 3.19
CA ALA A 211 -8.73 4.51 3.51
C ALA A 211 -8.88 4.26 5.01
N GLU A 212 -8.47 5.20 5.85
CA GLU A 212 -8.67 5.01 7.28
C GLU A 212 -10.15 5.02 7.60
N ILE A 213 -10.58 4.00 8.36
CA ILE A 213 -11.96 3.86 8.77
C ILE A 213 -11.96 2.88 9.94
N THR A 214 -12.94 3.00 10.81
CA THR A 214 -13.08 2.07 11.91
C THR A 214 -14.49 1.51 11.95
N LEU A 215 -14.59 0.19 11.93
CA LEU A 215 -15.84 -0.52 12.12
C LEU A 215 -15.75 -1.30 13.42
N THR A 216 -16.87 -1.34 14.14
CA THR A 216 -16.90 -1.94 15.46
C THR A 216 -18.29 -2.52 15.67
N TRP A 217 -18.36 -3.78 16.10
CA TRP A 217 -19.60 -4.35 16.60
C TRP A 217 -19.63 -4.24 18.11
N GLN A 218 -20.82 -4.04 18.65
CA GLN A 218 -20.96 -3.95 20.09
C GLN A 218 -22.28 -4.57 20.50
N ARG A 219 -22.24 -5.27 21.62
CA ARG A 219 -23.41 -5.90 22.23
C ARG A 219 -23.86 -5.06 23.42
N ASP A 220 -25.09 -4.57 23.38
CA ASP A 220 -25.62 -3.66 24.38
C ASP A 220 -24.63 -2.54 24.70
N GLY A 221 -24.02 -1.98 23.65
CA GLY A 221 -23.12 -0.85 23.79
C GLY A 221 -21.75 -1.18 24.34
N GLU A 222 -21.29 -2.42 24.16
CA GLU A 222 -19.97 -2.81 24.65
C GLU A 222 -19.15 -3.36 23.49
N ASP A 223 -18.06 -2.66 23.19
CA ASP A 223 -17.16 -3.06 22.12
C ASP A 223 -16.83 -4.53 22.18
N GLN A 224 -16.78 -5.17 21.02
CA GLN A 224 -16.40 -6.56 20.95
C GLN A 224 -15.19 -6.74 20.04
N THR A 225 -14.59 -7.91 20.21
CA THR A 225 -13.32 -8.36 19.65
C THR A 225 -13.56 -9.86 19.48
N GLN A 226 -12.58 -10.72 19.80
CA GLN A 226 -12.56 -12.04 19.21
C GLN A 226 -13.83 -12.83 19.53
N ASP A 227 -14.92 -12.34 18.94
CA ASP A 227 -15.83 -13.10 18.10
C ASP A 227 -16.13 -12.27 16.86
N THR A 228 -15.41 -11.15 16.67
CA THR A 228 -15.58 -10.19 15.58
C THR A 228 -14.43 -10.32 14.60
N GLU A 229 -14.73 -10.57 13.33
CA GLU A 229 -13.70 -10.70 12.31
C GLU A 229 -13.68 -9.46 11.41
N LEU A 230 -12.48 -9.03 11.04
CA LEU A 230 -12.27 -7.80 10.27
C LEU A 230 -11.48 -8.12 9.02
N VAL A 231 -12.03 -7.75 7.88
CA VAL A 231 -11.33 -7.93 6.61
C VAL A 231 -10.45 -6.71 6.39
N GLU A 232 -9.34 -6.91 5.70
CA GLU A 232 -8.43 -5.81 5.47
C GLU A 232 -9.02 -4.88 4.42
N THR A 233 -8.99 -3.58 4.71
CA THR A 233 -9.44 -2.57 3.77
C THR A 233 -8.87 -2.82 2.39
N ARG A 234 -9.72 -2.80 1.37
CA ARG A 234 -9.28 -3.08 0.01
C ARG A 234 -9.68 -1.94 -0.91
N PRO A 235 -8.92 -1.71 -1.98
CA PRO A 235 -9.33 -0.71 -2.96
C PRO A 235 -10.44 -1.23 -3.85
N ALA A 236 -11.39 -0.35 -4.17
CA ALA A 236 -12.48 -0.68 -5.08
C ALA A 236 -12.06 -0.56 -6.54
N GLY A 237 -11.10 0.32 -6.85
CA GLY A 237 -10.63 0.52 -8.20
C GLY A 237 -11.02 1.86 -8.79
N ASP A 238 -11.93 2.57 -8.15
CA ASP A 238 -12.36 3.92 -8.55
C ASP A 238 -11.85 4.97 -7.58
N ARG A 239 -10.63 4.78 -7.06
CA ARG A 239 -10.04 5.72 -6.12
C ARG A 239 -10.87 5.80 -4.83
N THR A 240 -11.60 4.73 -4.51
CA THR A 240 -12.34 4.58 -3.26
C THR A 240 -12.06 3.20 -2.68
N PHE A 241 -12.57 2.98 -1.47
CA PHE A 241 -12.24 1.80 -0.67
C PHE A 241 -13.46 1.07 -0.13
N GLN A 242 -13.24 -0.20 0.23
CA GLN A 242 -14.25 -1.05 0.84
C GLN A 242 -13.70 -1.69 2.11
N LYS A 243 -14.60 -1.97 3.05
CA LYS A 243 -14.26 -2.76 4.23
C LYS A 243 -15.55 -3.32 4.80
N TRP A 244 -15.40 -4.42 5.55
CA TRP A 244 -16.52 -4.95 6.32
C TRP A 244 -16.02 -5.65 7.58
N ALA A 245 -16.95 -5.96 8.46
CA ALA A 245 -16.64 -6.52 9.77
C ALA A 245 -17.80 -7.41 10.18
N ALA A 246 -17.48 -8.63 10.60
CA ALA A 246 -18.49 -9.63 10.88
C ALA A 246 -18.40 -10.08 12.33
N VAL A 247 -19.52 -10.59 12.83
CA VAL A 247 -19.61 -11.13 14.18
C VAL A 247 -20.67 -12.23 14.17
N VAL A 248 -20.43 -13.29 14.94
CA VAL A 248 -21.33 -14.43 14.99
C VAL A 248 -22.20 -14.26 16.23
N VAL A 249 -23.46 -13.90 15.99
CA VAL A 249 -24.40 -13.62 17.07
C VAL A 249 -25.24 -14.88 17.29
N PRO A 250 -25.79 -15.12 18.47
CA PRO A 250 -26.68 -16.28 18.60
C PRO A 250 -28.08 -15.96 18.08
N SER A 251 -28.61 -16.84 17.24
CA SER A 251 -29.90 -16.62 16.57
C SER A 251 -30.96 -16.13 17.54
N GLY A 252 -31.61 -15.02 17.19
CA GLY A 252 -32.66 -14.41 17.99
C GLY A 252 -32.24 -13.13 18.69
N GLU A 253 -30.96 -12.99 19.01
CA GLU A 253 -30.47 -11.83 19.73
C GLU A 253 -29.89 -10.76 18.81
N GLU A 254 -30.23 -10.80 17.53
CA GLU A 254 -29.54 -9.96 16.55
C GLU A 254 -29.66 -8.48 16.89
N GLN A 255 -30.84 -8.06 17.35
CA GLN A 255 -31.10 -6.66 17.66
C GLN A 255 -30.33 -6.16 18.88
N ARG A 256 -29.55 -7.03 19.53
CA ARG A 256 -28.66 -6.57 20.58
C ARG A 256 -27.46 -5.84 20.01
N TYR A 257 -27.01 -6.26 18.83
CA TYR A 257 -25.73 -5.84 18.28
C TYR A 257 -25.88 -4.66 17.35
N THR A 258 -24.90 -3.77 17.42
CA THR A 258 -24.93 -2.57 16.62
C THR A 258 -23.52 -2.32 16.07
N CYS A 259 -23.46 -1.83 14.83
CA CYS A 259 -22.21 -1.59 14.14
C CYS A 259 -21.90 -0.10 14.11
N HIS A 260 -20.71 0.27 14.60
CA HIS A 260 -20.34 1.67 14.65
C HIS A 260 -19.30 1.96 13.57
N VAL A 261 -19.57 2.96 12.74
CA VAL A 261 -18.69 3.38 11.65
C VAL A 261 -18.11 4.75 12.00
N GLN A 262 -16.80 4.88 11.88
CA GLN A 262 -16.14 6.16 12.09
C GLN A 262 -15.29 6.46 10.87
N HIS A 263 -15.45 7.65 10.31
CA HIS A 263 -14.70 7.99 9.12
C HIS A 263 -14.70 9.50 8.93
N GLU A 264 -13.64 9.99 8.29
CA GLU A 264 -13.45 11.42 8.10
C GLU A 264 -14.65 12.08 7.42
N GLY A 265 -15.28 11.38 6.46
CA GLY A 265 -16.36 11.95 5.69
C GLY A 265 -17.72 12.00 6.38
N LEU A 266 -17.78 11.60 7.62
CA LEU A 266 -19.04 11.55 8.34
C LEU A 266 -19.15 12.74 9.28
N PRO A 267 -20.21 13.50 9.20
CA PRO A 267 -20.51 14.49 10.24
C PRO A 267 -20.43 13.89 11.65
N LYS A 268 -21.16 12.80 11.88
CA LYS A 268 -21.03 12.06 13.13
C LYS A 268 -20.96 10.60 12.85
N PRO A 269 -20.29 9.80 13.70
CA PRO A 269 -20.19 8.36 13.48
C PRO A 269 -21.57 7.72 13.36
N LEU A 270 -21.70 6.77 12.44
CA LEU A 270 -22.99 6.12 12.25
C LEU A 270 -23.16 4.90 13.14
N THR A 271 -24.43 4.61 13.42
CA THR A 271 -24.86 3.43 14.14
C THR A 271 -25.86 2.70 13.25
N LEU A 272 -25.62 1.42 12.99
CA LEU A 272 -26.55 0.63 12.19
C LEU A 272 -26.86 -0.70 12.85
N ARG A 273 -28.05 -1.20 12.53
CA ARG A 273 -28.49 -2.52 12.94
C ARG A 273 -29.02 -3.26 11.72
N TRP A 274 -29.27 -4.56 11.92
CA TRP A 274 -29.88 -5.38 10.88
C TRP A 274 -31.36 -5.04 10.78
N GLU A 275 -31.83 -4.84 9.55
CA GLU A 275 -33.21 -4.42 9.29
C GLU A 275 -33.88 -5.44 8.38
N PRO A 276 -34.63 -6.40 8.94
CA PRO A 276 -35.36 -7.38 8.13
C PRO A 276 -36.75 -6.89 7.72
N ILE B 2 13.73 -12.45 3.95
CA ILE B 2 12.41 -12.65 4.55
C ILE B 2 11.28 -12.54 3.53
N GLN B 3 10.80 -13.67 3.04
CA GLN B 3 9.70 -13.66 2.09
C GLN B 3 8.38 -13.80 2.82
N ARG B 4 7.32 -13.23 2.23
CA ARG B 4 5.99 -13.23 2.83
CA ARG B 4 6.00 -13.26 2.84
C ARG B 4 4.98 -13.74 1.82
N THR B 5 4.08 -14.57 2.28
CA THR B 5 3.12 -15.12 1.34
C THR B 5 2.03 -14.08 1.03
N PRO B 6 1.48 -14.11 -0.18
CA PRO B 6 0.43 -13.15 -0.56
C PRO B 6 -0.93 -13.51 0.04
N LYS B 7 -1.57 -12.51 0.64
CA LYS B 7 -2.99 -12.50 0.97
C LYS B 7 -3.82 -12.13 -0.26
N ILE B 8 -5.07 -12.62 -0.32
CA ILE B 8 -5.85 -12.51 -1.53
C ILE B 8 -7.31 -12.29 -1.17
N GLN B 9 -7.91 -11.22 -1.71
CA GLN B 9 -9.35 -10.99 -1.64
C GLN B 9 -9.88 -10.90 -3.06
N VAL B 10 -11.01 -11.57 -3.30
CA VAL B 10 -11.75 -11.54 -4.56
C VAL B 10 -13.09 -10.90 -4.29
N TYR B 11 -13.46 -9.90 -5.08
CA TYR B 11 -14.62 -9.08 -4.77
C TYR B 11 -14.95 -8.22 -5.98
N SER B 12 -16.09 -7.55 -5.91
CA SER B 12 -16.57 -6.71 -6.98
C SER B 12 -16.50 -5.26 -6.57
N ARG B 13 -16.22 -4.39 -7.54
CA ARG B 13 -16.23 -2.95 -7.26
C ARG B 13 -17.57 -2.50 -6.68
N HIS B 14 -18.67 -2.85 -7.32
CA HIS B 14 -20.00 -2.51 -6.83
C HIS B 14 -20.75 -3.77 -6.40
N PRO B 15 -21.76 -3.64 -5.54
CA PRO B 15 -22.59 -4.80 -5.20
C PRO B 15 -23.01 -5.58 -6.44
N ALA B 16 -22.86 -6.90 -6.36
CA ALA B 16 -23.12 -7.78 -7.50
C ALA B 16 -24.62 -7.88 -7.76
N GLU B 17 -25.04 -7.46 -8.94
CA GLU B 17 -26.40 -7.68 -9.42
C GLU B 17 -26.33 -8.54 -10.67
N ASN B 18 -26.83 -9.77 -10.58
CA ASN B 18 -26.80 -10.70 -11.71
C ASN B 18 -27.41 -10.04 -12.93
N GLY B 19 -26.60 -9.83 -13.97
CA GLY B 19 -27.04 -9.12 -15.14
C GLY B 19 -26.61 -7.66 -15.21
N LYS B 20 -25.96 -7.15 -14.17
CA LYS B 20 -25.45 -5.79 -14.17
C LYS B 20 -23.94 -5.79 -14.31
N SER B 21 -23.43 -5.01 -15.25
CA SER B 21 -21.99 -4.98 -15.45
C SER B 21 -21.33 -4.29 -14.26
N ASN B 22 -20.11 -4.73 -13.98
CA ASN B 22 -19.41 -4.49 -12.72
C ASN B 22 -17.92 -4.74 -12.98
N PHE B 23 -17.12 -4.77 -11.92
CA PHE B 23 -15.68 -5.01 -12.02
C PHE B 23 -15.29 -6.13 -11.06
N LEU B 24 -14.63 -7.16 -11.59
CA LEU B 24 -14.11 -8.21 -10.73
C LEU B 24 -12.72 -7.80 -10.25
N ASN B 25 -12.51 -7.85 -8.93
CA ASN B 25 -11.24 -7.45 -8.32
C ASN B 25 -10.55 -8.64 -7.69
N CYS B 26 -9.22 -8.68 -7.84
CA CYS B 26 -8.34 -9.54 -7.07
C CYS B 26 -7.28 -8.67 -6.44
N TYR B 27 -7.36 -8.48 -5.13
CA TYR B 27 -6.42 -7.66 -4.41
C TYR B 27 -5.46 -8.61 -3.71
N VAL B 28 -4.21 -8.58 -4.12
CA VAL B 28 -3.17 -9.41 -3.54
C VAL B 28 -2.21 -8.49 -2.78
N SER B 29 -1.96 -8.79 -1.53
CA SER B 29 -1.21 -7.88 -0.68
C SER B 29 -0.31 -8.68 0.26
N GLY B 30 0.60 -7.94 0.90
CA GLY B 30 1.45 -8.52 1.92
C GLY B 30 2.44 -9.55 1.46
N PHE B 31 2.86 -9.54 0.19
CA PHE B 31 3.77 -10.55 -0.30
C PHE B 31 5.17 -9.95 -0.48
N HIS B 32 6.20 -10.67 -0.06
CA HIS B 32 7.34 -9.79 -0.25
C HIS B 32 8.00 -9.87 -1.62
N PRO B 33 8.53 -11.00 -2.05
CA PRO B 33 9.27 -10.96 -3.32
C PRO B 33 8.29 -10.47 -4.38
N SER B 34 8.57 -9.28 -4.93
CA SER B 34 7.56 -8.56 -5.71
C SER B 34 7.11 -9.28 -6.97
N ASP B 35 7.88 -10.24 -7.48
CA ASP B 35 7.42 -10.93 -8.67
C ASP B 35 6.26 -11.85 -8.30
N ILE B 36 5.15 -11.68 -9.01
CA ILE B 36 3.93 -12.40 -8.70
C ILE B 36 3.14 -12.56 -9.99
N GLU B 37 2.48 -13.71 -10.15
CA GLU B 37 1.67 -14.02 -11.32
C GLU B 37 0.24 -14.32 -10.85
N VAL B 38 -0.74 -13.60 -11.40
CA VAL B 38 -2.13 -13.74 -10.96
C VAL B 38 -3.07 -13.78 -12.16
N ASP B 39 -3.99 -14.71 -12.14
CA ASP B 39 -5.02 -14.76 -13.15
C ASP B 39 -6.39 -14.75 -12.50
N LEU B 40 -7.34 -14.15 -13.22
CA LEU B 40 -8.77 -14.24 -12.91
C LEU B 40 -9.41 -15.23 -13.88
N LEU B 41 -10.18 -16.16 -13.34
CA LEU B 41 -10.75 -17.23 -14.13
C LEU B 41 -12.27 -17.08 -14.21
N LYS B 42 -12.84 -17.56 -15.32
CA LYS B 42 -14.29 -17.63 -15.52
C LYS B 42 -14.64 -19.10 -15.75
N ASN B 43 -15.13 -19.75 -14.69
CA ASN B 43 -15.41 -21.18 -14.70
C ASN B 43 -14.12 -21.99 -14.90
N GLY B 44 -13.05 -21.55 -14.23
CA GLY B 44 -11.78 -22.23 -14.29
C GLY B 44 -10.94 -21.90 -15.50
N GLU B 45 -11.30 -20.89 -16.27
CA GLU B 45 -10.66 -20.61 -17.54
C GLU B 45 -10.19 -19.15 -17.58
N ARG B 46 -8.93 -18.95 -17.97
CA ARG B 46 -8.23 -17.67 -17.91
C ARG B 46 -8.96 -16.56 -18.64
N ILE B 47 -9.30 -15.48 -17.92
CA ILE B 47 -9.84 -14.29 -18.58
C ILE B 47 -8.68 -13.53 -19.21
N GLU B 48 -8.85 -13.04 -20.43
CA GLU B 48 -7.70 -12.48 -21.12
C GLU B 48 -7.52 -10.99 -20.91
N LYS B 49 -8.60 -10.24 -20.73
CA LYS B 49 -8.52 -8.77 -20.63
C LYS B 49 -8.54 -8.34 -19.16
N VAL B 50 -7.42 -8.62 -18.47
CA VAL B 50 -7.26 -8.29 -17.06
C VAL B 50 -6.12 -7.28 -16.91
N GLU B 51 -6.33 -6.29 -16.05
CA GLU B 51 -5.34 -5.24 -15.89
C GLU B 51 -4.95 -5.12 -14.42
N HIS B 52 -3.95 -4.30 -14.14
CA HIS B 52 -3.47 -4.19 -12.77
C HIS B 52 -2.98 -2.79 -12.47
N SER B 53 -3.01 -2.46 -11.19
CA SER B 53 -2.51 -1.19 -10.68
C SER B 53 -0.99 -1.14 -10.78
N ASP B 54 -0.42 -0.01 -10.34
CA ASP B 54 1.02 0.20 -10.32
C ASP B 54 1.60 -0.35 -9.01
N LEU B 55 2.72 -1.05 -9.11
CA LEU B 55 3.27 -1.78 -7.97
C LEU B 55 3.72 -0.84 -6.86
N SER B 56 3.21 -1.07 -5.65
CA SER B 56 3.50 -0.29 -4.47
C SER B 56 3.81 -1.24 -3.33
N PHE B 57 4.31 -0.69 -2.22
CA PHE B 57 4.62 -1.49 -1.04
C PHE B 57 4.24 -0.72 0.22
N SER B 58 4.03 -1.49 1.28
CA SER B 58 3.43 -1.05 2.53
C SER B 58 4.52 -0.73 3.54
N LYS B 59 4.11 -0.06 4.62
CA LYS B 59 5.00 0.29 5.72
C LYS B 59 5.76 -0.89 6.28
N ASP B 60 5.35 -2.12 5.98
CA ASP B 60 6.06 -3.30 6.46
C ASP B 60 6.92 -3.94 5.37
N TRP B 61 7.16 -3.22 4.27
CA TRP B 61 7.97 -3.55 3.10
C TRP B 61 7.23 -4.48 2.12
N SER B 62 6.06 -5.03 2.47
CA SER B 62 5.40 -5.98 1.58
C SER B 62 4.71 -5.23 0.47
N PHE B 63 4.65 -5.86 -0.70
CA PHE B 63 4.04 -5.29 -1.88
C PHE B 63 2.54 -5.62 -1.93
N TYR B 64 1.82 -4.86 -2.76
CA TYR B 64 0.41 -5.07 -3.02
C TYR B 64 0.05 -4.54 -4.41
N LEU B 65 -0.98 -5.16 -4.99
CA LEU B 65 -1.45 -4.88 -6.34
C LEU B 65 -2.94 -5.26 -6.44
N LEU B 66 -3.66 -4.52 -7.28
CA LEU B 66 -5.06 -4.79 -7.59
C LEU B 66 -5.13 -5.19 -9.04
N TYR B 67 -5.62 -6.41 -9.28
CA TYR B 67 -5.93 -6.88 -10.62
C TYR B 67 -7.45 -6.82 -10.81
N TYR B 68 -7.88 -6.37 -11.98
CA TYR B 68 -9.29 -6.07 -12.18
C TYR B 68 -9.68 -6.33 -13.63
N THR B 69 -10.97 -6.61 -13.83
CA THR B 69 -11.53 -6.75 -15.16
C THR B 69 -13.00 -6.33 -15.11
N GLU B 70 -13.53 -5.93 -16.25
CA GLU B 70 -14.96 -5.67 -16.39
C GLU B 70 -15.70 -6.99 -16.56
N PHE B 71 -16.84 -7.13 -15.87
CA PHE B 71 -17.63 -8.35 -15.98
C PHE B 71 -19.09 -8.09 -15.66
N THR B 72 -19.90 -9.13 -15.85
CA THR B 72 -21.31 -9.20 -15.51
C THR B 72 -21.61 -10.60 -15.01
N PRO B 73 -21.89 -10.77 -13.73
CA PRO B 73 -22.13 -12.11 -13.20
C PRO B 73 -23.54 -12.62 -13.54
N THR B 74 -23.71 -13.93 -13.36
CA THR B 74 -24.91 -14.64 -13.78
C THR B 74 -24.96 -15.96 -13.03
N GLU B 75 -25.98 -16.14 -12.20
CA GLU B 75 -26.03 -17.09 -11.08
C GLU B 75 -25.27 -18.40 -11.28
N LYS B 76 -25.41 -19.01 -12.46
CA LYS B 76 -24.61 -20.18 -12.82
C LYS B 76 -23.33 -19.72 -13.54
N ASP B 77 -22.49 -19.03 -12.79
CA ASP B 77 -21.20 -18.56 -13.30
C ASP B 77 -20.22 -18.56 -12.13
N GLU B 78 -19.14 -19.32 -12.26
CA GLU B 78 -18.09 -19.35 -11.26
C GLU B 78 -16.98 -18.37 -11.65
N TYR B 79 -16.48 -17.63 -10.66
CA TYR B 79 -15.35 -16.73 -10.87
C TYR B 79 -14.32 -16.94 -9.75
N ALA B 80 -13.05 -16.69 -10.06
CA ALA B 80 -12.02 -16.98 -9.08
C ALA B 80 -10.76 -16.15 -9.38
N CYS B 81 -9.80 -16.25 -8.48
CA CYS B 81 -8.46 -15.67 -8.69
C CYS B 81 -7.43 -16.74 -8.40
N ARG B 82 -6.48 -16.93 -9.31
CA ARG B 82 -5.38 -17.86 -9.10
C ARG B 82 -4.07 -17.08 -9.06
N VAL B 83 -3.27 -17.31 -8.02
CA VAL B 83 -2.02 -16.57 -7.86
C VAL B 83 -0.87 -17.53 -7.65
N ASN B 84 0.25 -17.22 -8.28
CA ASN B 84 1.48 -17.98 -8.07
C ASN B 84 2.57 -17.04 -7.59
N HIS B 85 3.44 -17.57 -6.73
CA HIS B 85 4.43 -16.78 -6.03
C HIS B 85 5.43 -17.74 -5.42
N VAL B 86 6.69 -17.30 -5.35
CA VAL B 86 7.77 -18.16 -4.92
C VAL B 86 7.48 -18.83 -3.58
N THR B 87 6.66 -18.20 -2.75
CA THR B 87 6.28 -18.76 -1.46
C THR B 87 5.29 -19.91 -1.55
N LEU B 88 4.63 -20.10 -2.69
CA LEU B 88 3.49 -21.01 -2.79
C LEU B 88 3.91 -22.34 -3.41
N SER B 89 3.56 -23.45 -2.74
CA SER B 89 3.89 -24.78 -3.25
C SER B 89 3.28 -25.01 -4.62
N GLN B 90 2.02 -24.61 -4.77
CA GLN B 90 1.22 -24.71 -5.96
C GLN B 90 0.40 -23.47 -6.06
N PRO B 91 -0.18 -23.14 -7.21
CA PRO B 91 -0.99 -21.93 -7.34
C PRO B 91 -2.18 -21.96 -6.39
N LYS B 92 -2.32 -20.91 -5.59
CA LYS B 92 -3.45 -20.76 -4.67
C LYS B 92 -4.61 -20.12 -5.42
N ILE B 93 -5.75 -20.82 -5.44
CA ILE B 93 -6.97 -20.32 -6.07
C ILE B 93 -7.94 -19.90 -4.96
N VAL B 94 -8.54 -18.73 -5.13
CA VAL B 94 -9.51 -18.20 -4.19
C VAL B 94 -10.78 -17.90 -4.98
N LYS B 95 -11.87 -18.63 -4.65
CA LYS B 95 -13.12 -18.50 -5.37
C LYS B 95 -13.85 -17.25 -4.92
N TRP B 96 -14.53 -16.61 -5.86
CA TRP B 96 -15.26 -15.38 -5.56
C TRP B 96 -16.62 -15.69 -4.96
N ASP B 97 -16.83 -15.23 -3.74
CA ASP B 97 -18.12 -15.30 -3.06
C ASP B 97 -18.71 -13.90 -3.02
N ARG B 98 -19.91 -13.72 -3.57
CA ARG B 98 -20.40 -12.37 -3.78
C ARG B 98 -20.81 -11.69 -2.48
N ASP B 99 -20.99 -12.44 -1.39
CA ASP B 99 -21.35 -11.87 -0.11
C ASP B 99 -20.14 -11.46 0.72
N MET B 100 -18.94 -11.53 0.12
CA MET B 100 -17.70 -11.16 0.81
C MET B 100 -16.78 -10.34 -0.10
N GLU C 1 9.82 16.95 -2.47
CA GLU C 1 10.87 16.75 -3.46
C GLU C 1 11.79 15.62 -3.05
N LEU C 2 12.33 14.94 -4.07
CA LEU C 2 13.25 13.83 -3.88
C LEU C 2 14.49 14.27 -3.10
N ARG C 3 14.99 13.37 -2.28
CA ARG C 3 16.31 13.56 -1.72
C ARG C 3 17.33 13.22 -2.78
N SER C 4 18.36 14.07 -2.90
CA SER C 4 19.56 13.73 -3.64
C SER C 4 20.40 12.76 -2.80
N ARG C 5 20.61 11.56 -3.31
CA ARG C 5 21.24 10.48 -2.55
C ARG C 5 22.51 10.12 -3.29
N TYR C 6 23.66 10.29 -2.65
CA TYR C 6 24.93 10.09 -3.31
C TYR C 6 25.75 8.96 -2.72
N TRP C 7 25.45 8.55 -1.50
CA TRP C 7 26.28 7.63 -0.75
C TRP C 7 25.63 6.26 -0.79
N ALA C 8 26.35 5.28 -1.31
CA ALA C 8 25.80 3.93 -1.41
C ALA C 8 25.90 3.19 -0.10
N ILE C 9 24.99 2.22 0.03
CA ILE C 9 25.02 1.17 1.05
C ILE C 9 26.38 0.51 1.12
#